data_9H7G
#
_entry.id   9H7G
#
_cell.length_a   85.120
_cell.length_b   42.180
_cell.length_c   64.000
_cell.angle_alpha   90.00
_cell.angle_beta   90.00
_cell.angle_gamma   90.00
#
_symmetry.space_group_name_H-M   'P 21 21 2'
#
loop_
_entity.id
_entity.type
_entity.pdbx_description
1 polymer Transthyretin
2 non-polymer 'CALCIUM ION'
3 non-polymer 1~{H}-indole-3-carbonitrile
4 water water
#
_entity_poly.entity_id   1
_entity_poly.type   'polypeptide(L)'
_entity_poly.pdbx_seq_one_letter_code
;GPTGTGESKCPLMVKVLDAVRGSPAINVAVHVFRKAADDTWEPFASGKTSESGELHGLTTEEEFVEGIYKVEIDTKSYWK
ALGISPFHEHAEVVFTANDSGPRRYTIAALLSPYSYSTTAVVTNPKE
;
_entity_poly.pdbx_strand_id   A,B
#
loop_
_chem_comp.id
_chem_comp.type
_chem_comp.name
_chem_comp.formula
98Z non-polymer 1~{H}-indole-3-carbonitrile 'C9 H6 N2'
CA non-polymer 'CALCIUM ION' 'Ca 2'
#
# COMPACT_ATOMS: atom_id res chain seq x y z
N CYS A 10 6.98 18.58 13.77
CA CYS A 10 7.20 17.42 12.86
C CYS A 10 6.16 16.34 13.14
N PRO A 11 4.84 16.67 12.99
CA PRO A 11 3.93 15.60 13.30
C PRO A 11 3.80 14.51 12.27
N LEU A 12 4.27 14.73 11.06
CA LEU A 12 4.20 13.67 10.06
C LEU A 12 5.52 13.68 9.28
N MET A 13 6.24 12.55 9.27
CA MET A 13 7.53 12.44 8.56
C MET A 13 7.46 11.18 7.72
N VAL A 14 8.17 11.18 6.58
CA VAL A 14 8.20 10.02 5.69
C VAL A 14 9.65 9.70 5.43
N LYS A 15 10.00 8.41 5.45
CA LYS A 15 11.33 7.95 5.18
C LYS A 15 11.29 6.82 4.13
N VAL A 16 12.14 6.92 3.08
CA VAL A 16 12.11 5.93 1.99
C VAL A 16 13.51 5.39 1.74
N LEU A 17 13.64 4.08 1.68
CA LEU A 17 14.87 3.36 1.43
C LEU A 17 14.77 2.48 0.18
N ASP A 18 15.93 2.26 -0.46
CA ASP A 18 16.04 1.44 -1.66
C ASP A 18 16.77 0.15 -1.33
N ALA A 19 16.04 -0.97 -1.47
CA ALA A 19 16.54 -2.30 -1.15
C ALA A 19 17.46 -2.93 -2.21
N VAL A 20 17.56 -2.34 -3.38
CA VAL A 20 18.43 -2.82 -4.44
C VAL A 20 19.87 -2.23 -4.32
N ARG A 21 19.93 -0.94 -4.03
CA ARG A 21 21.18 -0.18 -3.94
C ARG A 21 21.68 -0.06 -2.51
N GLY A 22 20.84 -0.36 -1.51
CA GLY A 22 21.25 -0.20 -0.15
C GLY A 22 21.52 1.23 0.21
N SER A 23 20.54 2.09 -0.10
CA SER A 23 20.68 3.53 -0.01
C SER A 23 19.37 4.16 0.37
N PRO A 24 19.44 5.39 0.87
CA PRO A 24 18.21 6.20 0.88
C PRO A 24 17.66 6.34 -0.53
N ALA A 25 16.35 6.44 -0.64
CA ALA A 25 15.67 6.75 -1.90
C ALA A 25 15.45 8.26 -1.99
N ILE A 26 16.28 8.92 -2.81
CA ILE A 26 16.43 10.38 -2.89
C ILE A 26 15.50 10.95 -3.96
N ASN A 27 14.91 12.11 -3.68
CA ASN A 27 14.08 12.83 -4.62
C ASN A 27 12.82 12.07 -4.99
N VAL A 28 12.26 11.34 -3.99
CA VAL A 28 11.00 10.62 -4.19
C VAL A 28 9.80 11.58 -3.86
N ALA A 29 8.87 11.71 -4.79
CA ALA A 29 7.67 12.53 -4.58
C ALA A 29 6.72 11.80 -3.64
N VAL A 30 6.18 12.54 -2.71
CA VAL A 30 5.18 12.01 -1.74
C VAL A 30 3.98 12.96 -1.72
N HIS A 31 2.77 12.43 -1.88
CA HIS A 31 1.56 13.23 -1.83
C HIS A 31 0.68 12.71 -0.70
N VAL A 32 0.19 13.62 0.10
CA VAL A 32 -0.70 13.26 1.24
C VAL A 32 -2.09 13.82 0.97
N PHE A 33 -3.15 13.03 1.21
CA PHE A 33 -4.52 13.43 1.03
C PHE A 33 -5.26 13.19 2.35
N ARG A 34 -6.37 13.89 2.49
CA ARG A 34 -7.22 13.74 3.70
C ARG A 34 -8.66 13.53 3.23
N LYS A 35 -9.34 12.55 3.82
CA LYS A 35 -10.73 12.29 3.37
C LYS A 35 -11.70 13.41 3.82
N ALA A 36 -12.44 13.94 2.87
CA ALA A 36 -13.37 15.05 3.10
C ALA A 36 -14.72 14.51 3.55
N ALA A 37 -15.61 15.43 3.92
CA ALA A 37 -16.89 15.05 4.46
C ALA A 37 -17.76 14.34 3.44
N ASP A 38 -17.53 14.59 2.16
CA ASP A 38 -18.29 13.94 1.12
C ASP A 38 -17.62 12.67 0.64
N ASP A 39 -16.66 12.17 1.42
CA ASP A 39 -15.97 10.91 1.19
C ASP A 39 -15.00 10.93 -0.01
N THR A 40 -14.66 12.11 -0.57
CA THR A 40 -13.52 12.21 -1.56
C THR A 40 -12.18 12.57 -0.87
N TRP A 41 -11.09 12.38 -1.58
CA TRP A 41 -9.77 12.67 -1.09
C TRP A 41 -9.37 14.09 -1.46
N GLU A 42 -9.10 14.89 -0.48
CA GLU A 42 -8.70 16.30 -0.63
C GLU A 42 -7.18 16.40 -0.47
N PRO A 43 -6.53 17.11 -1.38
CA PRO A 43 -5.08 17.29 -1.23
C PRO A 43 -4.81 17.90 0.14
N PHE A 44 -3.77 17.43 0.79
CA PHE A 44 -3.38 17.88 2.11
C PHE A 44 -1.94 18.47 2.17
N ALA A 45 -0.97 17.79 1.63
CA ALA A 45 0.44 18.25 1.66
C ALA A 45 1.20 17.38 0.64
N SER A 46 2.35 17.90 0.18
CA SER A 46 3.23 17.06 -0.63
C SER A 46 4.68 17.59 -0.50
N GLY A 47 5.62 16.78 -0.99
CA GLY A 47 7.04 17.13 -0.90
C GLY A 47 7.89 16.04 -1.53
N LYS A 48 9.20 16.18 -1.40
CA LYS A 48 10.17 15.23 -1.97
C LYS A 48 11.19 14.84 -0.96
N THR A 49 11.61 13.57 -0.97
CA THR A 49 12.62 13.15 -0.02
C THR A 49 13.99 13.78 -0.32
N SER A 50 14.75 13.99 0.72
CA SER A 50 16.04 14.58 0.70
C SER A 50 17.13 13.57 0.37
N GLU A 51 18.39 14.00 0.50
CA GLU A 51 19.58 13.14 0.29
C GLU A 51 19.64 12.01 1.29
N SER A 52 18.95 12.18 2.42
CA SER A 52 18.91 11.15 3.46
C SER A 52 17.69 10.27 3.34
N GLY A 53 16.88 10.44 2.29
CA GLY A 53 15.67 9.68 2.15
C GLY A 53 14.53 10.20 2.98
N GLU A 54 14.68 11.33 3.61
CA GLU A 54 13.68 11.84 4.57
C GLU A 54 12.92 13.01 4.00
N LEU A 55 11.65 13.15 4.43
CA LEU A 55 10.83 14.24 4.09
C LEU A 55 10.23 14.77 5.40
N HIS A 56 10.66 15.94 5.81
CA HIS A 56 10.17 16.63 6.98
C HIS A 56 9.41 17.88 6.45
N GLY A 57 8.67 18.50 7.31
CA GLY A 57 8.07 19.75 6.91
C GLY A 57 6.80 19.63 6.07
N LEU A 58 6.22 18.44 6.05
CA LEU A 58 4.95 18.27 5.34
C LEU A 58 3.81 19.12 5.87
N THR A 59 3.69 19.13 7.21
CA THR A 59 2.57 19.77 7.89
C THR A 59 2.96 20.35 9.22
N THR A 60 1.96 20.88 9.95
CA THR A 60 2.15 21.47 11.26
C THR A 60 1.16 20.88 12.21
N GLU A 61 1.42 21.08 13.49
CA GLU A 61 0.49 20.66 14.52
C GLU A 61 -0.91 21.26 14.32
N GLU A 62 -0.97 22.51 13.85
CA GLU A 62 -2.24 23.19 13.65
C GLU A 62 -3.03 22.58 12.50
N GLU A 63 -2.37 22.26 11.39
CA GLU A 63 -3.10 21.77 10.19
C GLU A 63 -3.41 20.26 10.26
N PHE A 64 -2.63 19.51 11.02
CA PHE A 64 -2.74 18.05 11.05
C PHE A 64 -3.79 17.63 12.08
N VAL A 65 -5.03 17.76 11.68
CA VAL A 65 -6.17 17.44 12.55
C VAL A 65 -6.53 15.96 12.44
N GLU A 66 -7.46 15.51 13.26
CA GLU A 66 -8.00 14.15 13.11
C GLU A 66 -8.51 13.97 11.72
N GLY A 67 -8.42 12.76 11.22
CA GLY A 67 -8.95 12.43 9.90
C GLY A 67 -8.40 11.14 9.40
N ILE A 68 -8.88 10.72 8.23
CA ILE A 68 -8.33 9.57 7.52
C ILE A 68 -7.40 10.16 6.44
N TYR A 69 -6.14 9.74 6.50
CA TYR A 69 -5.08 10.24 5.59
C TYR A 69 -4.58 9.16 4.68
N LYS A 70 -4.19 9.58 3.48
CA LYS A 70 -3.52 8.69 2.54
C LYS A 70 -2.20 9.29 2.12
N VAL A 71 -1.14 8.51 2.29
CA VAL A 71 0.18 8.93 1.85
C VAL A 71 0.55 8.10 0.67
N GLU A 72 0.73 8.77 -0.47
CA GLU A 72 1.05 8.10 -1.76
C GLU A 72 2.49 8.41 -2.10
N ILE A 73 3.33 7.39 -2.13
CA ILE A 73 4.71 7.58 -2.45
C ILE A 73 4.94 7.18 -3.92
N ASP A 74 5.52 8.08 -4.70
CA ASP A 74 5.64 7.86 -6.15
C ASP A 74 6.84 7.01 -6.51
N THR A 75 6.67 5.72 -6.28
CA THR A 75 7.72 4.74 -6.50
C THR A 75 7.94 4.54 -8.01
N LYS A 76 6.91 4.67 -8.84
CA LYS A 76 7.10 4.44 -10.29
C LYS A 76 8.05 5.46 -10.85
N SER A 77 7.89 6.72 -10.52
CA SER A 77 8.84 7.72 -11.10
C SER A 77 10.26 7.52 -10.61
N TYR A 78 10.40 7.08 -9.36
CA TYR A 78 11.72 6.78 -8.75
C TYR A 78 12.45 5.69 -9.58
N TRP A 79 11.79 4.58 -9.83
CA TRP A 79 12.41 3.50 -10.55
C TRP A 79 12.69 3.91 -11.98
N LYS A 80 11.78 4.61 -12.63
CA LYS A 80 11.97 5.02 -14.04
C LYS A 80 13.12 5.96 -14.16
N ALA A 81 13.37 6.77 -13.15
CA ALA A 81 14.55 7.67 -13.21
C ALA A 81 15.86 6.93 -13.12
N LEU A 82 15.86 5.77 -12.48
CA LEU A 82 17.02 4.92 -12.34
C LEU A 82 17.13 3.99 -13.56
N GLY A 83 16.18 4.09 -14.49
CA GLY A 83 16.16 3.28 -15.65
C GLY A 83 15.56 1.93 -15.55
N ILE A 84 14.72 1.72 -14.54
CA ILE A 84 14.16 0.44 -14.24
C ILE A 84 12.64 0.52 -14.45
N SER A 85 12.05 -0.54 -15.02
CA SER A 85 10.63 -0.64 -15.20
CA SER A 85 10.62 -0.66 -15.21
C SER A 85 9.99 -1.38 -14.00
N PRO A 86 9.29 -0.65 -13.15
CA PRO A 86 8.78 -1.31 -11.94
C PRO A 86 7.36 -1.82 -12.09
N PHE A 87 6.95 -2.64 -11.11
CA PHE A 87 5.64 -3.21 -11.09
C PHE A 87 4.52 -2.25 -10.58
N HIS A 88 4.77 -1.61 -9.43
CA HIS A 88 3.71 -0.81 -8.81
C HIS A 88 3.67 0.62 -9.34
N GLU A 89 2.49 1.24 -9.31
CA GLU A 89 2.34 2.64 -9.62
C GLU A 89 2.84 3.54 -8.48
N HIS A 90 2.54 3.12 -7.24
CA HIS A 90 2.94 3.85 -6.04
C HIS A 90 2.89 2.94 -4.85
N ALA A 91 3.34 3.42 -3.71
CA ALA A 91 3.12 2.71 -2.48
C ALA A 91 2.22 3.60 -1.70
N GLU A 92 1.12 3.05 -1.15
CA GLU A 92 0.09 3.83 -0.42
C GLU A 92 0.01 3.37 1.05
N VAL A 93 -0.25 4.33 1.88
CA VAL A 93 -0.54 4.04 3.22
C VAL A 93 -1.78 4.79 3.62
N VAL A 94 -2.80 4.10 4.14
CA VAL A 94 -4.03 4.81 4.55
C VAL A 94 -4.37 4.48 6.02
N PHE A 95 -4.55 5.57 6.79
CA PHE A 95 -4.72 5.39 8.24
C PHE A 95 -5.50 6.54 8.85
N THR A 96 -6.16 6.24 9.98
CA THR A 96 -6.80 7.25 10.77
C THR A 96 -5.76 7.88 11.74
N ALA A 97 -5.66 9.19 11.75
CA ALA A 97 -4.68 9.88 12.61
C ALA A 97 -5.35 10.71 13.70
N ASN A 98 -4.66 10.79 14.82
CA ASN A 98 -5.00 11.70 15.89
C ASN A 98 -6.32 11.40 16.63
N ASP A 99 -6.80 10.18 16.53
CA ASP A 99 -8.14 9.89 17.04
C ASP A 99 -8.24 10.04 18.58
N SER A 100 -7.15 9.75 19.30
CA SER A 100 -7.02 9.93 20.74
C SER A 100 -6.04 11.04 21.13
N GLY A 101 -6.02 12.10 20.32
CA GLY A 101 -5.17 13.23 20.57
C GLY A 101 -4.02 13.19 19.57
N PRO A 102 -3.25 14.29 19.58
CA PRO A 102 -2.17 14.37 18.65
C PRO A 102 -1.11 13.31 18.92
N ARG A 103 -0.58 12.80 17.82
CA ARG A 103 0.57 11.90 17.90
C ARG A 103 1.54 12.29 16.77
N ARG A 104 2.75 11.82 16.89
CA ARG A 104 3.76 12.05 15.84
C ARG A 104 3.82 10.75 15.06
N TYR A 105 3.81 10.79 13.71
CA TYR A 105 3.80 9.65 12.81
C TYR A 105 5.02 9.69 11.94
N THR A 106 5.75 8.58 11.92
CA THR A 106 6.70 8.39 10.83
C THR A 106 6.25 7.22 9.99
N ILE A 107 6.14 7.45 8.69
CA ILE A 107 5.80 6.43 7.73
C ILE A 107 7.06 6.07 6.96
N ALA A 108 7.51 4.84 7.08
CA ALA A 108 8.72 4.38 6.45
C ALA A 108 8.39 3.38 5.39
N ALA A 109 9.11 3.43 4.25
CA ALA A 109 8.87 2.48 3.15
C ALA A 109 10.21 1.97 2.61
N LEU A 110 10.28 0.72 2.32
CA LEU A 110 11.45 0.02 1.74
C LEU A 110 11.04 -0.54 0.38
N LEU A 111 11.78 -0.12 -0.66
CA LEU A 111 11.38 -0.36 -2.06
C LEU A 111 12.24 -1.33 -2.85
N SER A 112 11.61 -2.21 -3.60
CA SER A 112 12.24 -2.95 -4.67
C SER A 112 11.35 -2.87 -5.90
N PRO A 113 11.87 -3.26 -7.10
CA PRO A 113 11.11 -3.07 -8.27
C PRO A 113 9.75 -3.80 -8.30
N TYR A 114 9.65 -4.99 -7.66
CA TYR A 114 8.41 -5.74 -7.69
C TYR A 114 7.79 -5.87 -6.28
N SER A 115 8.26 -5.06 -5.33
CA SER A 115 7.81 -5.25 -3.91
C SER A 115 8.00 -4.00 -3.14
N TYR A 116 7.21 -3.78 -2.07
CA TYR A 116 7.54 -2.74 -1.12
C TYR A 116 6.98 -3.16 0.24
N SER A 117 7.58 -2.59 1.27
CA SER A 117 7.01 -2.76 2.58
CA SER A 117 7.14 -2.79 2.65
C SER A 117 6.92 -1.43 3.30
N THR A 118 5.96 -1.24 4.21
CA THR A 118 5.81 0.00 4.90
C THR A 118 5.56 -0.30 6.33
N THR A 119 6.00 0.58 7.18
CA THR A 119 5.69 0.47 8.61
C THR A 119 5.46 1.87 9.16
N ALA A 120 4.73 1.94 10.26
CA ALA A 120 4.46 3.21 10.92
C ALA A 120 5.05 3.19 12.30
N VAL A 121 5.64 4.29 12.67
CA VAL A 121 6.16 4.50 14.03
C VAL A 121 5.38 5.70 14.63
N VAL A 122 4.65 5.46 15.70
CA VAL A 122 3.72 6.45 16.26
C VAL A 122 4.13 6.69 17.71
N THR A 123 4.42 7.94 18.02
CA THR A 123 4.85 8.32 19.36
C THR A 123 4.00 9.45 19.94
N ASN A 124 4.01 9.54 21.25
CA ASN A 124 3.24 10.54 21.95
C ASN A 124 4.18 11.66 22.38
CA CYS B 10 -6.37 -18.37 -13.48
C CYS B 10 -5.33 -17.21 -13.51
N PRO B 11 -5.66 -16.07 -14.15
CA PRO B 11 -4.67 -15.01 -14.39
C PRO B 11 -4.23 -14.14 -13.25
N LEU B 12 -5.09 -14.02 -12.24
CA LEU B 12 -4.86 -13.17 -11.07
C LEU B 12 -5.22 -13.91 -9.80
N MET B 13 -4.25 -14.05 -8.90
CA MET B 13 -4.50 -14.68 -7.61
CA MET B 13 -4.46 -14.70 -7.60
C MET B 13 -3.93 -13.76 -6.50
N VAL B 14 -4.55 -13.82 -5.32
CA VAL B 14 -4.08 -13.06 -4.15
C VAL B 14 -3.84 -14.02 -3.02
N LYS B 15 -2.74 -13.84 -2.33
CA LYS B 15 -2.33 -14.64 -1.17
C LYS B 15 -1.98 -13.71 -0.02
N VAL B 16 -2.56 -13.97 1.15
CA VAL B 16 -2.36 -13.10 2.31
C VAL B 16 -1.91 -13.95 3.52
N LEU B 17 -0.85 -13.50 4.19
CA LEU B 17 -0.26 -14.17 5.35
C LEU B 17 -0.24 -13.21 6.54
N ASP B 18 -0.32 -13.80 7.75
CA ASP B 18 -0.35 -13.08 9.03
C ASP B 18 0.98 -13.29 9.78
N ALA B 19 1.74 -12.21 9.95
CA ALA B 19 3.02 -12.24 10.57
C ALA B 19 3.02 -12.34 12.11
N VAL B 20 1.86 -12.06 12.71
CA VAL B 20 1.71 -12.14 14.17
C VAL B 20 1.43 -13.55 14.66
N ARG B 21 0.51 -14.22 13.99
CA ARG B 21 0.06 -15.54 14.34
C ARG B 21 0.82 -16.66 13.59
N GLY B 22 1.59 -16.29 12.54
CA GLY B 22 2.34 -17.28 11.81
C GLY B 22 1.45 -18.20 11.02
N SER B 23 0.54 -17.63 10.26
CA SER B 23 -0.52 -18.37 9.59
C SER B 23 -0.99 -17.70 8.33
N PRO B 24 -1.70 -18.47 7.49
CA PRO B 24 -2.45 -17.78 6.44
C PRO B 24 -3.46 -16.82 7.05
N ALA B 25 -3.75 -15.73 6.37
CA ALA B 25 -4.79 -14.81 6.80
C ALA B 25 -6.10 -15.23 6.13
N ILE B 26 -6.98 -15.82 6.93
CA ILE B 26 -8.19 -16.48 6.47
C ILE B 26 -9.40 -15.55 6.60
N ASN B 27 -10.27 -15.64 5.61
CA ASN B 27 -11.48 -14.83 5.57
C ASN B 27 -11.34 -13.34 5.49
N VAL B 28 -10.28 -12.96 4.81
CA VAL B 28 -10.00 -11.56 4.52
C VAL B 28 -10.74 -11.13 3.24
N ALA B 29 -11.42 -10.01 3.27
CA ALA B 29 -12.12 -9.45 2.07
C ALA B 29 -11.11 -8.71 1.18
N VAL B 30 -11.21 -8.99 -0.10
CA VAL B 30 -10.30 -8.43 -1.10
C VAL B 30 -11.14 -7.90 -2.25
N HIS B 31 -10.92 -6.63 -2.65
CA HIS B 31 -11.62 -6.02 -3.74
C HIS B 31 -10.58 -5.59 -4.80
N VAL B 32 -10.88 -5.81 -6.04
CA VAL B 32 -10.03 -5.42 -7.18
C VAL B 32 -10.75 -4.42 -8.02
N PHE B 33 -10.06 -3.35 -8.37
CA PHE B 33 -10.63 -2.27 -9.22
C PHE B 33 -9.71 -2.08 -10.43
N ARG B 34 -10.29 -1.60 -11.51
CA ARG B 34 -9.50 -1.20 -12.67
C ARG B 34 -9.74 0.27 -12.90
N LYS B 35 -8.70 0.93 -13.40
CA LYS B 35 -8.76 2.37 -13.58
C LYS B 35 -9.50 2.67 -14.87
N ALA B 36 -10.51 3.51 -14.74
CA ALA B 36 -11.31 3.99 -15.91
C ALA B 36 -10.73 5.20 -16.66
N THR B 40 -11.20 7.45 -12.37
CA THR B 40 -11.90 6.80 -11.23
C THR B 40 -11.68 5.27 -11.21
N TRP B 41 -11.94 4.66 -10.07
CA TRP B 41 -11.63 3.26 -9.86
C TRP B 41 -12.95 2.53 -10.01
N GLU B 42 -13.04 1.63 -10.99
CA GLU B 42 -14.24 0.82 -11.24
C GLU B 42 -14.08 -0.59 -10.64
N PRO B 43 -15.06 -1.07 -9.82
CA PRO B 43 -15.02 -2.47 -9.32
C PRO B 43 -14.94 -3.49 -10.45
N PHE B 44 -14.09 -4.49 -10.25
CA PHE B 44 -13.65 -5.47 -11.27
C PHE B 44 -13.87 -6.92 -10.74
N ALA B 45 -13.52 -7.17 -9.46
CA ALA B 45 -13.60 -8.51 -8.88
C ALA B 45 -13.44 -8.45 -7.36
N SER B 46 -14.02 -9.39 -6.64
CA SER B 46 -13.75 -9.44 -5.22
C SER B 46 -14.02 -10.83 -4.63
N GLY B 47 -13.61 -11.02 -3.38
CA GLY B 47 -13.82 -12.32 -2.74
C GLY B 47 -13.25 -12.36 -1.36
N LYS B 48 -13.22 -13.54 -0.74
CA LYS B 48 -12.66 -13.67 0.69
C LYS B 48 -11.59 -14.78 0.62
N THR B 49 -10.47 -14.56 1.28
CA THR B 49 -9.43 -15.59 1.24
C THR B 49 -9.89 -16.88 1.95
N SER B 50 -9.38 -17.99 1.46
CA SER B 50 -9.74 -19.32 1.89
C SER B 50 -8.90 -19.68 3.12
N GLU B 51 -9.04 -20.93 3.58
CA GLU B 51 -8.24 -21.44 4.69
C GLU B 51 -6.74 -21.44 4.48
N SER B 52 -6.34 -21.40 3.19
CA SER B 52 -4.94 -21.35 2.87
C SER B 52 -4.46 -19.88 2.66
N GLY B 53 -5.32 -18.91 2.89
CA GLY B 53 -5.02 -17.52 2.65
C GLY B 53 -5.09 -17.10 1.20
N GLU B 54 -5.65 -17.91 0.33
CA GLU B 54 -5.64 -17.65 -1.09
C GLU B 54 -7.03 -17.34 -1.59
N LEU B 55 -7.07 -16.52 -2.64
CA LEU B 55 -8.26 -16.14 -3.28
C LEU B 55 -8.00 -16.40 -4.76
N HIS B 56 -8.62 -17.44 -5.27
CA HIS B 56 -8.62 -17.83 -6.66
C HIS B 56 -9.98 -17.48 -7.29
N GLY B 57 -10.03 -17.51 -8.59
CA GLY B 57 -11.33 -17.34 -9.33
C GLY B 57 -11.82 -15.91 -9.40
N LEU B 58 -10.95 -14.96 -9.16
CA LEU B 58 -11.31 -13.52 -9.23
C LEU B 58 -11.75 -13.09 -10.60
N THR B 59 -11.04 -13.59 -11.61
CA THR B 59 -11.29 -13.15 -12.97
C THR B 59 -11.01 -14.25 -13.98
N THR B 60 -11.04 -13.87 -15.27
CA THR B 60 -10.80 -14.79 -16.37
C THR B 60 -9.82 -14.14 -17.29
N GLU B 61 -9.22 -14.97 -18.14
CA GLU B 61 -8.25 -14.48 -19.09
C GLU B 61 -8.88 -13.42 -20.01
N GLU B 62 -10.16 -13.60 -20.38
CA GLU B 62 -10.86 -12.66 -21.26
C GLU B 62 -11.05 -11.26 -20.59
N GLU B 63 -11.44 -11.27 -19.31
CA GLU B 63 -11.71 -10.02 -18.63
C GLU B 63 -10.45 -9.24 -18.23
N PHE B 64 -9.36 -9.96 -17.96
CA PHE B 64 -8.17 -9.34 -17.37
C PHE B 64 -7.25 -8.77 -18.46
N VAL B 65 -7.55 -7.57 -18.86
CA VAL B 65 -6.75 -6.85 -19.96
C VAL B 65 -5.67 -6.01 -19.33
N GLU B 66 -4.77 -5.56 -20.17
CA GLU B 66 -3.83 -4.57 -19.73
C GLU B 66 -4.51 -3.36 -19.16
N GLY B 67 -3.84 -2.74 -18.18
CA GLY B 67 -4.33 -1.56 -17.59
C GLY B 67 -3.75 -1.39 -16.19
N ILE B 68 -4.34 -0.46 -15.46
CA ILE B 68 -3.95 -0.17 -14.08
C ILE B 68 -5.00 -0.74 -13.14
N TYR B 69 -4.52 -1.51 -12.16
CA TYR B 69 -5.39 -2.21 -11.22
C TYR B 69 -5.05 -1.88 -9.80
N LYS B 70 -6.07 -1.91 -8.93
CA LYS B 70 -5.87 -1.78 -7.50
C LYS B 70 -6.46 -2.97 -6.80
N VAL B 71 -5.63 -3.58 -5.95
CA VAL B 71 -6.10 -4.62 -5.05
C VAL B 71 -6.20 -4.03 -3.64
N GLU B 72 -7.41 -4.00 -3.08
CA GLU B 72 -7.64 -3.47 -1.74
C GLU B 72 -7.96 -4.62 -0.78
N ILE B 73 -7.14 -4.78 0.23
CA ILE B 73 -7.29 -5.83 1.19
C ILE B 73 -7.81 -5.25 2.49
N ASP B 74 -8.93 -5.82 3.00
CA ASP B 74 -9.54 -5.20 4.19
C ASP B 74 -8.85 -5.70 5.50
N THR B 75 -7.67 -5.19 5.75
CA THR B 75 -6.82 -5.60 6.83
C THR B 75 -7.42 -5.16 8.20
N LYS B 76 -8.13 -4.07 8.24
CA LYS B 76 -8.64 -3.56 9.50
C LYS B 76 -9.69 -4.49 10.04
N SER B 77 -10.60 -4.96 9.17
CA SER B 77 -11.63 -5.94 9.65
C SER B 77 -11.00 -7.25 10.11
N TYR B 78 -9.93 -7.64 9.46
CA TYR B 78 -9.22 -8.85 9.80
C TYR B 78 -8.66 -8.78 11.22
N TRP B 79 -7.94 -7.69 11.49
CA TRP B 79 -7.31 -7.57 12.82
C TRP B 79 -8.39 -7.39 13.89
N LYS B 80 -9.48 -6.68 13.59
CA LYS B 80 -10.57 -6.55 14.57
C LYS B 80 -11.20 -7.89 14.87
N ALA B 81 -11.34 -8.77 13.90
CA ALA B 81 -11.90 -10.10 14.16
C ALA B 81 -11.01 -10.98 15.08
N LEU B 82 -9.72 -10.67 15.10
CA LEU B 82 -8.75 -11.33 16.00
C LEU B 82 -8.51 -10.64 17.33
N GLY B 83 -9.15 -9.48 17.51
CA GLY B 83 -8.97 -8.68 18.74
C GLY B 83 -7.58 -8.02 18.86
N ILE B 84 -7.04 -7.66 17.73
CA ILE B 84 -5.72 -7.03 17.67
C ILE B 84 -5.88 -5.64 17.11
N SER B 85 -5.26 -4.66 17.76
CA SER B 85 -5.39 -3.24 17.34
C SER B 85 -4.58 -2.89 16.08
N PRO B 86 -5.25 -2.47 15.01
CA PRO B 86 -4.57 -2.14 13.78
C PRO B 86 -4.31 -0.69 13.50
N PHE B 87 -3.33 -0.40 12.65
CA PHE B 87 -3.00 0.95 12.22
C PHE B 87 -3.70 1.37 10.94
N HIS B 88 -3.61 0.54 9.90
CA HIS B 88 -4.16 0.90 8.63
C HIS B 88 -5.64 0.73 8.47
N GLU B 89 -6.24 1.53 7.63
CA GLU B 89 -7.59 1.28 7.13
C GLU B 89 -7.72 0.04 6.29
N HIS B 90 -6.74 -0.18 5.42
CA HIS B 90 -6.69 -1.30 4.51
C HIS B 90 -5.31 -1.31 3.94
N ALA B 91 -5.01 -2.30 3.14
CA ALA B 91 -3.80 -2.29 2.33
C ALA B 91 -4.18 -2.24 0.89
N GLU B 92 -3.51 -1.38 0.11
CA GLU B 92 -3.83 -1.21 -1.31
C GLU B 92 -2.60 -1.42 -2.13
N VAL B 93 -2.74 -2.22 -3.17
CA VAL B 93 -1.65 -2.55 -4.05
C VAL B 93 -2.04 -2.14 -5.47
N VAL B 94 -1.36 -1.13 -6.02
CA VAL B 94 -1.73 -0.57 -7.32
C VAL B 94 -0.60 -0.83 -8.31
N PHE B 95 -0.97 -1.39 -9.46
CA PHE B 95 0.04 -1.85 -10.42
C PHE B 95 -0.46 -1.82 -11.85
N THR B 96 0.51 -1.86 -12.76
CA THR B 96 0.18 -1.93 -14.17
C THR B 96 0.32 -3.36 -14.62
N ALA B 97 -0.70 -3.84 -15.29
CA ALA B 97 -0.65 -5.15 -15.98
C ALA B 97 -0.21 -4.92 -17.42
N ASN B 98 0.89 -5.51 -17.80
CA ASN B 98 1.39 -5.38 -19.17
C ASN B 98 1.41 -6.73 -19.91
N GLY B 101 4.17 -11.50 -23.42
CA GLY B 101 3.99 -12.97 -23.46
C GLY B 101 2.98 -13.52 -22.43
N PRO B 102 2.81 -14.86 -22.36
CA PRO B 102 1.84 -15.41 -21.36
C PRO B 102 2.32 -15.26 -19.91
N ARG B 103 1.39 -14.82 -19.06
CA ARG B 103 1.66 -14.45 -17.68
C ARG B 103 0.50 -14.81 -16.74
N ARG B 104 0.88 -15.22 -15.54
CA ARG B 104 -0.04 -15.33 -14.38
C ARG B 104 0.53 -14.38 -13.29
N TYR B 105 -0.36 -13.69 -12.59
CA TYR B 105 0.04 -12.76 -11.58
C TYR B 105 -0.45 -13.31 -10.24
N THR B 106 0.45 -13.38 -9.25
CA THR B 106 0.10 -13.52 -7.85
C THR B 106 0.49 -12.27 -7.10
N ILE B 107 -0.47 -11.66 -6.39
CA ILE B 107 -0.19 -10.55 -5.51
C ILE B 107 -0.21 -11.10 -4.11
N ALA B 108 0.91 -11.04 -3.44
CA ALA B 108 1.07 -11.54 -2.09
C ALA B 108 1.30 -10.48 -1.10
N ALA B 109 0.67 -10.62 0.08
CA ALA B 109 0.82 -9.64 1.11
C ALA B 109 1.08 -10.30 2.47
N LEU B 110 1.94 -9.73 3.27
CA LEU B 110 2.28 -10.21 4.60
C LEU B 110 1.90 -9.11 5.58
N LEU B 111 1.00 -9.44 6.51
CA LEU B 111 0.37 -8.44 7.34
C LEU B 111 0.82 -8.46 8.81
N SER B 112 1.07 -7.23 9.31
CA SER B 112 1.26 -6.98 10.75
C SER B 112 0.37 -5.76 11.11
N PRO B 113 0.14 -5.54 12.44
CA PRO B 113 -0.78 -4.49 12.80
C PRO B 113 -0.38 -3.11 12.39
N TYR B 114 0.93 -2.79 12.41
CA TYR B 114 1.42 -1.48 12.01
C TYR B 114 2.33 -1.53 10.76
N SER B 115 2.26 -2.60 10.00
CA SER B 115 3.14 -2.71 8.80
C SER B 115 2.51 -3.67 7.85
N TYR B 116 2.81 -3.55 6.56
CA TYR B 116 2.54 -4.65 5.64
C TYR B 116 3.56 -4.61 4.53
N SER B 117 3.79 -5.77 3.99
CA SER B 117 4.67 -5.93 2.86
CA SER B 117 4.70 -6.03 2.84
C SER B 117 3.93 -6.70 1.69
N THR B 118 4.27 -6.31 0.42
CA THR B 118 3.61 -6.92 -0.68
C THR B 118 4.63 -7.20 -1.77
N THR B 119 4.41 -8.26 -2.50
CA THR B 119 5.28 -8.59 -3.65
C THR B 119 4.44 -9.16 -4.73
N ALA B 120 4.93 -9.08 -5.97
CA ALA B 120 4.25 -9.68 -7.11
C ALA B 120 5.07 -10.85 -7.59
N VAL B 121 4.39 -11.94 -7.90
CA VAL B 121 5.00 -13.09 -8.50
C VAL B 121 4.35 -13.22 -9.89
N VAL B 122 5.16 -13.01 -10.93
CA VAL B 122 4.66 -13.00 -12.29
C VAL B 122 5.40 -14.07 -13.08
N THR B 123 4.64 -15.08 -13.57
CA THR B 123 5.21 -16.31 -14.22
C THR B 123 4.58 -16.58 -15.55
N ASN B 124 5.22 -17.45 -16.34
CA ASN B 124 4.75 -17.78 -17.71
C ASN B 124 4.13 -19.18 -17.74
CA CA C . -11.51 11.28 18.19
C10 98Z D . 13.43 -1.27 7.33
N01 98Z D . 12.48 2.36 6.46
C02 98Z D . 11.98 1.32 6.41
C03 98Z D . 11.43 0.14 6.35
C04 98Z D . 10.17 -0.17 5.86
N05 98Z D . 10.09 -1.51 6.01
C06 98Z D . 11.21 -2.07 6.52
C07 98Z D . 11.58 -3.38 6.75
C08 98Z D . 12.84 -3.62 7.35
C09 98Z D . 13.75 -2.60 7.63
C11 98Z D . 12.18 -1.04 6.78
CA CA E . -16.98 -9.22 -11.58
C10 98Z F . 6.78 -13.77 2.40
N01 98Z F . 3.40 -13.77 0.62
C02 98Z F . 4.22 -12.99 0.89
C03 98Z F . 5.09 -12.10 1.24
C04 98Z F . 5.00 -10.74 1.15
N05 98Z F . 6.12 -10.32 1.79
C06 98Z F . 6.93 -11.34 2.38
C07 98Z F . 8.03 -11.27 3.05
C08 98Z F . 8.55 -12.52 3.44
C09 98Z F . 7.98 -13.74 3.12
C11 98Z F . 6.34 -12.54 1.87
#